data_3VC0
#
_entry.id   3VC0
#
_cell.length_a   37.890
_cell.length_b   76.860
_cell.length_c   104.910
_cell.angle_alpha   90.00
_cell.angle_beta   90.00
_cell.angle_gamma   90.00
#
_symmetry.space_group_name_H-M   'C 2 2 21'
#
loop_
_entity.id
_entity.type
_entity.pdbx_description
1 polymer 'Phospholipase A2 homolog, taipoxin beta chain'
2 water water
#
_entity_poly.entity_id   1
_entity_poly.type   'polypeptide(L)'
_entity_poly.pdbx_seq_one_letter_code
;NLVQFGKMIECAIRNRRPALDFMNYGCYCGKGGSGTPVDDLDRCCQVHDECYAEAEKHGCYPSLTTYTWECRQVGPYCNS
KTQCEVFVCACDFAAAKCFAQEDYNPAHSNINTGERCK
;
_entity_poly.pdbx_strand_id   A
#
# COMPACT_ATOMS: atom_id res chain seq x y z
N ASN A 1 8.70 4.97 -4.41
CA ASN A 1 9.56 3.84 -3.91
C ASN A 1 9.14 3.51 -2.47
N LEU A 2 9.78 2.51 -1.87
CA LEU A 2 9.37 2.00 -0.59
C LEU A 2 9.23 3.06 0.52
N VAL A 3 10.27 3.88 0.69
CA VAL A 3 10.29 4.98 1.65
C VAL A 3 9.16 5.98 1.39
N GLN A 4 8.94 6.32 0.11
CA GLN A 4 7.88 7.25 -0.19
C GLN A 4 6.54 6.66 0.22
N PHE A 5 6.33 5.39 -0.09
CA PHE A 5 5.03 4.77 0.26
C PHE A 5 4.80 4.79 1.78
N GLY A 6 5.89 4.51 2.53
CA GLY A 6 5.92 4.63 3.99
C GLY A 6 5.56 5.98 4.52
N LYS A 7 6.18 7.04 3.98
CA LYS A 7 5.88 8.43 4.38
C LYS A 7 4.45 8.73 3.97
N MET A 8 3.99 8.19 2.84
CA MET A 8 2.65 8.50 2.35
C MET A 8 1.60 7.89 3.26
N ILE A 9 1.85 6.66 3.71
CA ILE A 9 0.95 6.02 4.67
C ILE A 9 0.83 6.89 5.94
N GLU A 10 1.99 7.30 6.44
CA GLU A 10 2.08 8.05 7.67
C GLU A 10 1.20 9.28 7.59
N CYS A 11 1.37 10.00 6.50
CA CYS A 11 0.59 11.19 6.16
C CYS A 11 -0.92 10.91 6.19
N ALA A 12 -1.34 9.93 5.40
CA ALA A 12 -2.77 9.56 5.32
C ALA A 12 -3.43 9.17 6.63
N ILE A 13 -2.73 8.37 7.44
CA ILE A 13 -3.33 7.84 8.66
C ILE A 13 -3.00 8.75 9.83
N ARG A 14 -2.38 9.91 9.57
CA ARG A 14 -1.96 10.85 10.65
C ARG A 14 -1.00 10.25 11.68
N ASN A 15 -0.09 9.41 11.21
CA ASN A 15 0.84 8.72 12.13
C ASN A 15 0.14 7.98 13.30
N ARG A 16 -1.12 7.53 13.10
CA ARG A 16 -1.79 6.76 14.11
C ARG A 16 -1.10 5.44 14.47
N ARG A 17 -0.43 4.79 13.52
CA ARG A 17 0.39 3.63 13.84
C ARG A 17 1.66 3.65 12.98
N PRO A 18 2.70 2.92 13.39
CA PRO A 18 3.86 2.85 12.46
C PRO A 18 3.47 2.28 11.03
N ALA A 19 3.97 2.89 9.98
CA ALA A 19 3.83 2.32 8.60
C ALA A 19 4.27 0.81 8.54
N LEU A 20 5.22 0.48 9.40
CA LEU A 20 5.78 -0.87 9.50
C LEU A 20 4.69 -1.89 9.92
N ASP A 21 3.66 -1.44 10.64
CA ASP A 21 2.47 -2.31 10.92
C ASP A 21 1.81 -2.93 9.68
N PHE A 22 1.90 -2.22 8.54
CA PHE A 22 1.22 -2.65 7.30
C PHE A 22 2.09 -3.60 6.48
N MET A 23 3.21 -3.98 7.03
CA MET A 23 4.14 -4.82 6.30
C MET A 23 4.16 -6.26 6.70
N ASN A 24 3.39 -6.58 7.75
CA ASN A 24 3.23 -7.95 8.15
C ASN A 24 1.80 -8.14 8.66
N TYR A 25 0.85 -8.04 7.74
CA TYR A 25 -0.56 -8.05 8.13
C TYR A 25 -1.38 -8.79 7.12
N GLY A 26 -2.23 -9.68 7.62
CA GLY A 26 -3.14 -10.44 6.76
C GLY A 26 -2.44 -11.31 5.71
N CYS A 27 -3.13 -11.56 4.60
CA CYS A 27 -2.61 -12.37 3.48
C CYS A 27 -1.79 -11.54 2.44
N TYR A 28 -2.03 -10.23 2.40
CA TYR A 28 -1.48 -9.37 1.33
C TYR A 28 -0.61 -8.21 1.76
N CYS A 29 -0.72 -7.75 3.00
CA CYS A 29 0.13 -6.63 3.49
C CYS A 29 1.58 -7.09 3.83
N GLY A 30 2.49 -6.72 2.94
CA GLY A 30 3.84 -7.28 2.93
C GLY A 30 4.07 -7.55 1.48
N LYS A 31 5.16 -8.25 1.17
CA LYS A 31 5.43 -8.66 -0.22
C LYS A 31 4.44 -9.80 -0.52
N GLY A 32 3.74 -9.79 -1.67
CA GLY A 32 2.82 -10.91 -2.11
C GLY A 32 1.98 -11.58 -1.00
N GLY A 33 0.81 -12.12 -1.29
CA GLY A 33 0.19 -12.09 -2.57
C GLY A 33 -0.64 -13.34 -2.80
N SER A 34 -1.28 -13.92 -1.76
CA SER A 34 -2.22 -15.07 -2.01
C SER A 34 -3.46 -15.27 -1.13
N GLY A 35 -4.42 -16.01 -1.67
CA GLY A 35 -5.60 -16.48 -0.93
C GLY A 35 -6.67 -15.41 -0.80
N THR A 36 -7.63 -15.63 0.10
CA THR A 36 -8.66 -14.65 0.41
C THR A 36 -8.15 -13.66 1.50
N PRO A 37 -8.26 -12.32 1.24
CA PRO A 37 -7.92 -11.30 2.26
C PRO A 37 -8.76 -11.47 3.53
N VAL A 38 -8.13 -11.25 4.68
CA VAL A 38 -8.74 -11.61 5.95
C VAL A 38 -9.70 -10.51 6.41
N ASP A 39 -9.72 -9.35 5.74
CA ASP A 39 -10.56 -8.19 6.14
C ASP A 39 -10.39 -7.09 5.11
N ASP A 40 -11.07 -5.97 5.29
CA ASP A 40 -11.04 -4.92 4.30
C ASP A 40 -9.69 -4.24 4.24
N LEU A 41 -8.97 -4.15 5.35
CA LEU A 41 -7.64 -3.61 5.35
C LEU A 41 -6.73 -4.44 4.42
N ASP A 42 -6.70 -5.75 4.67
CA ASP A 42 -5.95 -6.70 3.85
C ASP A 42 -6.32 -6.56 2.36
N ARG A 43 -7.60 -6.39 2.07
CA ARG A 43 -8.08 -6.10 0.73
C ARG A 43 -7.47 -4.77 0.13
N CYS A 44 -7.20 -3.75 0.98
CA CYS A 44 -6.42 -2.57 0.54
C CYS A 44 -5.13 -3.03 -0.04
N CYS A 45 -4.51 -3.95 0.69
CA CYS A 45 -3.19 -4.46 0.30
C CYS A 45 -3.25 -5.35 -0.95
N GLN A 46 -4.34 -6.08 -1.12
CA GLN A 46 -4.52 -6.92 -2.31
C GLN A 46 -4.66 -6.02 -3.56
N VAL A 47 -5.54 -5.02 -3.48
CA VAL A 47 -5.72 -4.06 -4.56
C VAL A 47 -4.37 -3.34 -4.87
N HIS A 48 -3.61 -3.01 -3.84
CA HIS A 48 -2.29 -2.41 -4.01
C HIS A 48 -1.31 -3.29 -4.78
N ASP A 49 -1.28 -4.58 -4.42
CA ASP A 49 -0.48 -5.57 -5.13
C ASP A 49 -0.92 -5.65 -6.62
N GLU A 50 -2.23 -5.69 -6.86
CA GLU A 50 -2.76 -5.73 -8.25
C GLU A 50 -2.31 -4.51 -9.05
N CYS A 51 -2.37 -3.35 -8.37
CA CYS A 51 -1.94 -2.07 -8.93
C CYS A 51 -0.44 -2.08 -9.39
N TYR A 52 0.45 -2.48 -8.49
CA TYR A 52 1.86 -2.64 -8.85
C TYR A 52 2.07 -3.62 -10.00
N ALA A 53 1.31 -4.73 -9.98
CA ALA A 53 1.48 -5.78 -10.96
C ALA A 53 1.02 -5.25 -12.33
N GLU A 54 -0.03 -4.39 -12.36
CA GLU A 54 -0.48 -3.69 -13.60
C GLU A 54 0.65 -2.77 -14.07
N ALA A 55 1.23 -2.02 -13.13
CA ALA A 55 2.32 -1.11 -13.43
C ALA A 55 3.48 -1.82 -14.09
N GLU A 56 3.84 -3.00 -13.56
CA GLU A 56 5.02 -3.81 -14.05
C GLU A 56 4.69 -4.43 -15.40
N LYS A 57 3.46 -4.90 -15.55
CA LYS A 57 2.96 -5.36 -16.82
C LYS A 57 3.17 -4.28 -17.91
N HIS A 58 3.08 -3.01 -17.54
CA HIS A 58 3.20 -1.99 -18.57
C HIS A 58 4.56 -1.29 -18.63
N GLY A 59 5.56 -1.89 -17.99
CA GLY A 59 6.92 -1.41 -18.13
C GLY A 59 7.43 -0.53 -17.02
N CYS A 60 6.58 -0.25 -16.05
CA CYS A 60 7.01 0.53 -14.87
C CYS A 60 7.69 -0.44 -13.89
N TYR A 61 8.52 0.06 -12.97
CA TYR A 61 9.03 -0.80 -11.92
C TYR A 61 8.82 -0.06 -10.63
N PRO A 62 7.71 -0.37 -9.95
CA PRO A 62 7.29 0.36 -8.77
C PRO A 62 8.37 0.50 -7.69
N SER A 63 9.17 -0.56 -7.46
CA SER A 63 10.23 -0.50 -6.45
C SER A 63 11.37 0.48 -6.84
N LEU A 64 11.51 0.79 -8.11
CA LEU A 64 12.53 1.72 -8.59
C LEU A 64 11.95 3.12 -8.87
N THR A 65 10.63 3.25 -8.70
CA THR A 65 9.97 4.51 -9.06
C THR A 65 10.06 5.51 -7.89
N THR A 66 10.71 6.65 -8.11
CA THR A 66 10.66 7.72 -7.13
C THR A 66 9.79 8.85 -7.71
N TYR A 67 8.58 8.99 -7.21
CA TYR A 67 7.62 9.89 -7.84
C TYR A 67 7.64 11.24 -7.08
N THR A 68 6.74 12.17 -7.43
CA THR A 68 6.62 13.42 -6.67
C THR A 68 5.25 13.52 -6.04
N TRP A 69 5.25 13.73 -4.72
CA TRP A 69 4.01 13.84 -3.99
C TRP A 69 4.19 14.85 -2.82
N GLU A 70 3.06 15.27 -2.22
CA GLU A 70 3.14 16.10 -1.00
C GLU A 70 2.12 15.70 0.03
N CYS A 71 2.51 15.85 1.28
CA CYS A 71 1.59 15.60 2.37
C CYS A 71 0.89 16.92 2.61
N ARG A 72 -0.39 16.95 2.29
CA ARG A 72 -1.11 18.20 2.43
C ARG A 72 -2.13 18.08 3.51
N GLN A 73 -2.75 19.19 3.84
CA GLN A 73 -3.76 19.21 4.89
C GLN A 73 -4.85 18.13 4.68
N VAL A 74 -5.27 17.96 3.44
CA VAL A 74 -6.30 17.00 3.07
C VAL A 74 -5.75 15.52 2.99
N GLY A 75 -4.45 15.37 3.07
CA GLY A 75 -3.85 14.05 2.97
C GLY A 75 -2.76 14.05 1.90
N PRO A 76 -2.24 12.84 1.58
CA PRO A 76 -1.26 12.69 0.51
C PRO A 76 -1.81 13.27 -0.83
N TYR A 77 -0.92 13.84 -1.62
CA TYR A 77 -1.29 14.42 -2.89
C TYR A 77 -0.17 14.13 -3.90
N CYS A 78 -0.53 13.42 -4.95
CA CYS A 78 0.40 13.04 -6.03
C CYS A 78 0.63 14.27 -6.95
N ASN A 79 1.88 14.55 -7.27
CA ASN A 79 2.21 15.71 -8.10
C ASN A 79 3.31 15.30 -9.08
N SER A 80 3.16 14.09 -9.64
CA SER A 80 4.14 13.50 -10.55
C SER A 80 3.98 13.90 -12.02
N LYS A 81 5.02 13.64 -12.79
CA LYS A 81 5.06 14.03 -14.21
C LYS A 81 5.06 12.84 -15.19
N THR A 82 6.02 11.93 -15.08
CA THR A 82 6.15 10.92 -16.12
C THR A 82 5.04 9.92 -15.90
N GLN A 83 4.67 9.18 -16.94
CA GLN A 83 3.65 8.15 -16.87
C GLN A 83 3.79 7.16 -15.72
N CYS A 84 4.95 6.54 -15.59
CA CYS A 84 5.14 5.53 -14.52
C CYS A 84 5.03 6.13 -13.15
N GLU A 85 5.62 7.31 -12.99
CA GLU A 85 5.58 7.92 -11.66
C GLU A 85 4.13 8.32 -11.31
N VAL A 86 3.39 8.84 -12.26
CA VAL A 86 1.97 9.17 -12.03
C VAL A 86 1.22 7.88 -11.65
N PHE A 87 1.41 6.81 -12.43
CA PHE A 87 0.76 5.53 -12.16
C PHE A 87 1.09 4.98 -10.79
N VAL A 88 2.38 4.93 -10.44
CA VAL A 88 2.82 4.33 -9.17
C VAL A 88 2.41 5.23 -7.99
N CYS A 89 2.56 6.55 -8.15
CA CYS A 89 2.07 7.45 -7.10
C CYS A 89 0.57 7.16 -6.84
N ALA A 90 -0.22 6.99 -7.90
CA ALA A 90 -1.66 6.75 -7.73
C ALA A 90 -1.95 5.38 -7.08
N CYS A 91 -1.13 4.36 -7.34
CA CYS A 91 -1.30 3.08 -6.59
C CYS A 91 -1.12 3.30 -5.08
N ASP A 92 -0.07 4.03 -4.73
CA ASP A 92 0.31 4.23 -3.29
C ASP A 92 -0.73 5.11 -2.61
N PHE A 93 -1.12 6.17 -3.32
CA PHE A 93 -2.17 7.10 -2.88
C PHE A 93 -3.45 6.33 -2.52
N ALA A 94 -3.96 5.47 -3.42
CA ALA A 94 -5.19 4.70 -3.11
C ALA A 94 -4.96 3.73 -1.92
N ALA A 95 -3.79 3.08 -1.83
CA ALA A 95 -3.60 2.14 -0.70
C ALA A 95 -3.53 2.93 0.63
N ALA A 96 -2.76 4.03 0.66
CA ALA A 96 -2.64 4.84 1.90
C ALA A 96 -4.00 5.38 2.41
N LYS A 97 -4.78 5.96 1.50
CA LYS A 97 -6.15 6.39 1.83
C LYS A 97 -7.03 5.20 2.32
N CYS A 98 -6.88 4.07 1.65
CA CYS A 98 -7.56 2.86 2.05
C CYS A 98 -7.19 2.47 3.51
N PHE A 99 -5.90 2.42 3.82
CA PHE A 99 -5.39 2.12 5.19
C PHE A 99 -5.98 3.10 6.23
N ALA A 100 -6.15 4.37 5.85
CA ALA A 100 -6.69 5.38 6.78
C ALA A 100 -8.13 5.08 7.05
N GLN A 101 -8.81 4.45 6.10
CA GLN A 101 -10.28 4.28 6.28
C GLN A 101 -10.66 2.99 7.01
N GLU A 102 -9.81 1.95 6.94
CA GLU A 102 -10.19 0.57 7.25
C GLU A 102 -9.74 0.23 8.66
N ASP A 103 -10.38 -0.73 9.31
CA ASP A 103 -9.93 -1.07 10.67
C ASP A 103 -8.70 -1.98 10.62
N TYR A 104 -7.81 -1.76 11.57
CA TYR A 104 -6.66 -2.58 11.80
C TYR A 104 -6.97 -3.53 12.96
N ASN A 105 -7.18 -4.82 12.69
CA ASN A 105 -7.43 -5.83 13.75
C ASN A 105 -6.11 -6.47 14.15
N PRO A 106 -5.64 -6.26 15.41
CA PRO A 106 -4.30 -6.79 15.84
C PRO A 106 -4.19 -8.31 15.74
N ALA A 107 -5.31 -9.01 15.82
CA ALA A 107 -5.30 -10.45 15.63
C ALA A 107 -5.03 -10.85 14.17
N HIS A 108 -5.12 -9.89 13.24
CA HIS A 108 -4.86 -10.19 11.83
C HIS A 108 -3.43 -9.85 11.38
N SER A 109 -2.67 -9.28 12.29
CA SER A 109 -1.25 -8.95 12.09
C SER A 109 -0.44 -10.24 12.23
N ASN A 110 0.62 -10.42 11.43
CA ASN A 110 1.54 -11.56 11.66
C ASN A 110 0.82 -12.91 11.71
N ILE A 111 0.00 -13.20 10.72
CA ILE A 111 -0.74 -14.48 10.70
C ILE A 111 0.15 -15.51 9.98
N ASN A 112 -0.15 -16.80 10.18
CA ASN A 112 0.53 -17.86 9.42
C ASN A 112 0.02 -17.92 7.97
N THR A 113 0.74 -17.25 7.06
CA THR A 113 0.21 -17.08 5.70
C THR A 113 0.36 -18.40 4.98
N GLY A 114 1.35 -19.19 5.41
CA GLY A 114 1.52 -20.52 4.86
C GLY A 114 0.23 -21.32 4.99
N GLU A 115 -0.44 -21.18 6.14
CA GLU A 115 -1.57 -22.06 6.44
C GLU A 115 -2.93 -21.41 6.15
N ARG A 116 -2.97 -20.08 6.18
CA ARG A 116 -4.25 -19.35 6.20
C ARG A 116 -4.53 -18.64 4.88
N CYS A 117 -3.53 -18.61 4.01
CA CYS A 117 -3.62 -17.81 2.77
C CYS A 117 -3.38 -18.58 1.46
N LYS A 118 -3.92 -19.80 1.39
CA LYS A 118 -3.75 -20.67 0.21
C LYS A 118 -4.93 -20.50 -0.75
#